data_4F7O
#
_entry.id   4F7O
#
_cell.length_a   161.734
_cell.length_b   46.505
_cell.length_c   71.261
_cell.angle_alpha   90.00
_cell.angle_beta   100.27
_cell.angle_gamma   90.00
#
_symmetry.space_group_name_H-M   'C 1 2 1'
#
loop_
_entity.id
_entity.type
_entity.pdbx_description
1 polymer 'COP9 signalosome complex subunit 5'
2 non-polymer 'ZINC ION'
3 non-polymer 'THIOCYANATE ION'
4 water water
#
_entity_poly.entity_id   1
_entity_poly.type   'polypeptide(L)'
_entity_poly.pdbx_seq_one_letter_code
;(MSE)AASGSG(MSE)AQKTWELANN(MSE)QEAQSIDEIYKYDKKQQQEILAAKPWTKDHHYFKYCKISALALLK
(MSE)V(MSE)HARSGGNLEV(MSE)GL(MSE)LGKVDGET(MSE)II(MSE)DSFALPVEGTETRVNAQAAAYEY
(MSE)AAYIENAKQVGRLENAIGWYHSHPGYGCWLSGIDVSTQ(MSE)LNQQFQEPFVAVVIDPTRTISAGKVNLGAFRT
YPKGYKPPDEGPSEYQTIPLNKIEDFGVHCKQYYALEVSYFKSSLDRKLLELLWNKYWVNTLSSSSLLT
;
_entity_poly.pdbx_strand_id   A,B
#
loop_
_chem_comp.id
_chem_comp.type
_chem_comp.name
_chem_comp.formula
SCN non-polymer 'THIOCYANATE ION' 'C N S -1'
ZN non-polymer 'ZINC ION' 'Zn 2'
#
# COMPACT_ATOMS: atom_id res chain seq x y z
N ALA A 2 10.49 -32.27 3.84
CA ALA A 2 11.56 -31.32 3.58
C ALA A 2 11.39 -30.59 2.25
N ALA A 3 11.20 -31.35 1.18
CA ALA A 3 10.85 -30.76 -0.13
C ALA A 3 9.38 -30.35 -0.09
N SER A 4 8.72 -30.77 0.98
CA SER A 4 7.34 -30.39 1.26
C SER A 4 7.30 -29.08 2.07
N GLY A 5 8.46 -28.63 2.52
CA GLY A 5 8.55 -27.43 3.36
C GLY A 5 8.57 -26.13 2.58
N SER A 6 8.48 -25.02 3.30
CA SER A 6 8.39 -23.69 2.72
C SER A 6 9.56 -23.35 1.78
N GLY A 7 10.79 -23.54 2.24
CA GLY A 7 11.97 -23.19 1.45
C GLY A 7 12.14 -23.92 0.13
N MSE A 8 11.92 -25.23 0.14
CA MSE A 8 12.04 -25.99 -1.09
C MSE A 8 10.94 -25.59 -2.05
O MSE A 8 11.13 -25.59 -3.26
CB MSE A 8 12.04 -27.50 -0.84
CG MSE A 8 13.35 -28.04 -0.25
SE MSE A 8 14.97 -27.70 -1.32
CE MSE A 8 15.63 -26.11 -0.41
N ALA A 9 9.78 -25.22 -1.50
CA ALA A 9 8.70 -24.67 -2.31
C ALA A 9 9.06 -23.30 -2.92
N GLN A 10 9.63 -22.41 -2.11
CA GLN A 10 10.09 -21.12 -2.63
C GLN A 10 11.06 -21.34 -3.78
N LYS A 11 11.97 -22.30 -3.61
CA LYS A 11 12.95 -22.63 -4.66
C LYS A 11 12.30 -23.24 -5.93
N THR A 12 11.35 -24.14 -5.73
CA THR A 12 10.63 -24.73 -6.85
C THR A 12 9.93 -23.63 -7.64
N TRP A 13 9.23 -22.77 -6.91
CA TRP A 13 8.47 -21.69 -7.51
C TRP A 13 9.38 -20.70 -8.22
N GLU A 14 10.57 -20.46 -7.65
CA GLU A 14 11.56 -19.61 -8.30
C GLU A 14 11.97 -20.26 -9.64
N LEU A 15 12.17 -21.57 -9.60
CA LEU A 15 12.61 -22.31 -10.79
C LEU A 15 11.58 -22.40 -11.91
N ALA A 16 10.31 -22.64 -11.56
CA ALA A 16 9.25 -22.79 -12.55
C ALA A 16 9.02 -21.47 -13.26
N ASN A 17 9.27 -20.38 -12.53
CA ASN A 17 9.13 -19.05 -13.08
C ASN A 17 10.43 -18.49 -13.69
N ASN A 18 11.47 -19.31 -13.74
CA ASN A 18 12.70 -18.95 -14.43
C ASN A 18 13.27 -17.61 -14.00
N MSE A 19 13.43 -17.44 -12.69
CA MSE A 19 13.88 -16.18 -12.14
C MSE A 19 15.38 -15.95 -12.39
O MSE A 19 16.06 -16.78 -12.97
CB MSE A 19 13.61 -16.14 -10.64
CG MSE A 19 13.07 -14.82 -10.12
SE MSE A 19 11.78 -15.14 -8.71
CE MSE A 19 10.40 -16.01 -9.78
N GLN A 20 15.86 -14.80 -11.92
CA GLN A 20 17.28 -14.52 -11.88
C GLN A 20 17.61 -13.96 -10.52
N GLU A 21 18.80 -14.24 -10.03
CA GLU A 21 19.29 -13.57 -8.85
C GLU A 21 20.17 -12.44 -9.36
N ALA A 22 19.82 -11.22 -9.00
CA ALA A 22 20.60 -10.08 -9.46
C ALA A 22 20.60 -8.91 -8.48
N GLN A 23 21.36 -7.89 -8.87
CA GLN A 23 21.58 -6.71 -8.05
C GLN A 23 20.70 -5.49 -8.33
N SER A 24 19.68 -5.58 -9.20
CA SER A 24 19.03 -4.32 -9.58
C SER A 24 20.03 -3.39 -10.28
N ILE A 25 20.23 -3.63 -11.59
CA ILE A 25 21.43 -3.99 -12.38
C ILE A 25 21.90 -5.40 -12.10
N ASP A 26 23.20 -5.57 -11.95
CA ASP A 26 23.80 -6.90 -12.08
C ASP A 26 23.28 -7.55 -13.38
N GLU A 27 23.44 -6.81 -14.48
CA GLU A 27 22.90 -7.13 -15.80
C GLU A 27 21.42 -6.79 -15.98
N ILE A 28 20.69 -6.56 -14.89
CA ILE A 28 19.25 -6.25 -15.03
C ILE A 28 19.06 -5.06 -15.96
N TYR A 29 19.59 -3.90 -15.56
CA TYR A 29 19.66 -2.76 -16.44
C TYR A 29 20.54 -3.11 -17.63
N LYS A 30 20.09 -2.76 -18.82
CA LYS A 30 20.96 -2.82 -19.99
C LYS A 30 21.86 -1.57 -20.03
N TYR A 31 21.32 -0.42 -19.60
CA TYR A 31 21.96 0.88 -19.81
C TYR A 31 22.55 1.51 -18.55
N ASP A 32 23.67 2.21 -18.72
CA ASP A 32 24.31 2.91 -17.60
C ASP A 32 23.49 4.15 -17.25
N LYS A 33 23.67 4.64 -16.04
CA LYS A 33 22.82 5.72 -15.53
C LYS A 33 22.66 6.87 -16.52
N LYS A 34 23.78 7.34 -17.08
CA LYS A 34 23.76 8.44 -18.02
C LYS A 34 22.83 8.19 -19.20
N GLN A 35 23.05 7.07 -19.89
CA GLN A 35 22.25 6.72 -21.05
C GLN A 35 20.84 6.29 -20.67
N GLN A 36 20.61 6.04 -19.38
CA GLN A 36 19.27 5.80 -18.89
C GLN A 36 18.54 7.13 -18.89
N GLN A 37 19.26 8.16 -18.48
CA GLN A 37 18.68 9.50 -18.39
C GLN A 37 18.52 10.17 -19.75
N GLU A 38 19.42 9.88 -20.69
CA GLU A 38 19.30 10.42 -22.04
C GLU A 38 18.06 9.86 -22.73
N ILE A 39 17.71 8.62 -22.40
CA ILE A 39 16.52 8.00 -22.92
C ILE A 39 15.29 8.56 -22.20
N LEU A 40 15.38 8.62 -20.88
CA LEU A 40 14.29 9.19 -20.09
C LEU A 40 13.89 10.55 -20.62
N ALA A 41 14.90 11.37 -20.93
CA ALA A 41 14.68 12.72 -21.42
C ALA A 41 14.30 12.75 -22.90
N ALA A 42 14.86 11.81 -23.66
CA ALA A 42 14.62 11.70 -25.10
C ALA A 42 13.17 11.28 -25.38
N LYS A 43 12.65 10.41 -24.53
CA LYS A 43 11.33 9.81 -24.71
C LYS A 43 11.18 9.15 -26.08
N PRO A 44 11.99 8.11 -26.36
CA PRO A 44 11.96 7.36 -27.63
C PRO A 44 10.56 6.86 -27.99
N TRP A 45 9.70 6.64 -26.99
CA TRP A 45 8.27 6.46 -27.26
C TRP A 45 7.72 7.82 -27.66
N THR A 46 6.41 7.94 -27.83
CA THR A 46 5.78 9.14 -28.38
C THR A 46 6.01 9.22 -29.87
N LYS A 47 6.95 8.41 -30.35
CA LYS A 47 7.33 8.36 -31.76
C LYS A 47 7.19 6.92 -32.25
N ASP A 48 7.99 6.03 -31.67
CA ASP A 48 7.82 4.59 -31.89
C ASP A 48 6.75 4.06 -30.94
N HIS A 49 5.69 3.47 -31.50
CA HIS A 49 4.60 2.92 -30.70
C HIS A 49 4.95 1.51 -30.17
N HIS A 50 5.89 0.86 -30.83
CA HIS A 50 6.33 -0.48 -30.48
C HIS A 50 7.53 -0.42 -29.55
N TYR A 51 7.90 0.79 -29.15
CA TYR A 51 9.15 1.01 -28.45
C TYR A 51 9.43 0.03 -27.31
N PHE A 52 8.44 -0.26 -26.47
CA PHE A 52 8.70 -1.10 -25.31
C PHE A 52 8.40 -2.56 -25.65
N LYS A 53 9.47 -3.35 -25.77
CA LYS A 53 9.34 -4.77 -26.09
C LYS A 53 9.42 -5.70 -24.88
N TYR A 54 9.66 -5.14 -23.70
CA TYR A 54 10.08 -5.98 -22.58
C TYR A 54 9.60 -5.51 -21.22
N CYS A 55 9.29 -6.47 -20.35
CA CYS A 55 8.88 -6.16 -18.99
C CYS A 55 9.58 -7.11 -18.02
N LYS A 56 10.12 -6.56 -16.93
CA LYS A 56 10.81 -7.36 -15.93
C LYS A 56 10.25 -7.10 -14.54
N ILE A 57 9.77 -8.15 -13.88
CA ILE A 57 9.07 -8.01 -12.62
C ILE A 57 9.83 -8.67 -11.48
N SER A 58 10.02 -7.91 -10.40
CA SER A 58 10.69 -8.42 -9.21
C SER A 58 9.89 -9.55 -8.58
N ALA A 59 10.58 -10.47 -7.94
CA ALA A 59 9.89 -11.57 -7.29
C ALA A 59 8.92 -10.98 -6.26
N LEU A 60 9.37 -9.97 -5.55
CA LEU A 60 8.60 -9.31 -4.49
C LEU A 60 7.24 -8.78 -4.98
N ALA A 61 7.29 -8.11 -6.12
CA ALA A 61 6.12 -7.42 -6.66
C ALA A 61 5.16 -8.45 -7.20
N LEU A 62 5.74 -9.49 -7.80
CA LEU A 62 5.00 -10.65 -8.30
C LEU A 62 4.27 -11.38 -7.17
N LEU A 63 4.99 -11.71 -6.13
CA LEU A 63 4.44 -12.45 -5.02
C LEU A 63 3.33 -11.66 -4.34
N LYS A 64 3.57 -10.37 -4.10
CA LYS A 64 2.52 -9.56 -3.45
C LYS A 64 1.28 -9.52 -4.35
N MSE A 65 1.49 -9.35 -5.65
CA MSE A 65 0.34 -9.34 -6.56
C MSE A 65 -0.40 -10.66 -6.49
O MSE A 65 -1.61 -10.68 -6.30
CB MSE A 65 0.79 -9.05 -8.00
CG MSE A 65 1.21 -7.62 -8.24
SE MSE A 65 1.56 -7.35 -10.14
CE MSE A 65 3.39 -8.13 -10.16
N VAL A 66 0.32 -11.77 -6.63
CA VAL A 66 -0.26 -13.10 -6.59
C VAL A 66 -1.09 -13.30 -5.33
N MSE A 67 -0.49 -13.01 -4.18
CA MSE A 67 -1.22 -13.11 -2.92
C MSE A 67 -2.47 -12.23 -2.91
O MSE A 67 -3.49 -12.60 -2.31
CB MSE A 67 -0.30 -12.77 -1.75
CG MSE A 67 0.83 -13.76 -1.59
SE MSE A 67 2.22 -13.06 -0.43
CE MSE A 67 1.37 -13.37 1.30
N HIS A 68 -2.38 -11.06 -3.54
CA HIS A 68 -3.52 -10.15 -3.58
C HIS A 68 -4.67 -10.76 -4.37
N ALA A 69 -4.32 -11.20 -5.58
CA ALA A 69 -5.24 -11.82 -6.51
C ALA A 69 -5.86 -13.10 -5.95
N ARG A 70 -5.07 -13.83 -5.17
CA ARG A 70 -5.52 -15.08 -4.58
C ARG A 70 -6.45 -14.82 -3.40
N SER A 71 -6.07 -13.87 -2.54
CA SER A 71 -6.92 -13.49 -1.42
C SER A 71 -8.28 -12.96 -1.89
N GLY A 72 -8.27 -12.20 -2.99
CA GLY A 72 -9.51 -11.66 -3.52
C GLY A 72 -10.46 -12.70 -4.10
N GLY A 73 -9.99 -13.93 -4.27
CA GLY A 73 -10.82 -15.00 -4.79
C GLY A 73 -11.31 -14.78 -6.21
N ASN A 74 -12.62 -14.92 -6.42
CA ASN A 74 -13.21 -14.79 -7.75
C ASN A 74 -13.59 -13.34 -8.06
N LEU A 75 -13.38 -12.47 -7.09
CA LEU A 75 -13.49 -11.05 -7.33
C LEU A 75 -12.25 -10.61 -8.09
N GLU A 76 -12.43 -9.70 -9.03
CA GLU A 76 -11.30 -9.14 -9.74
C GLU A 76 -10.69 -8.11 -8.82
N VAL A 77 -9.42 -8.25 -8.46
CA VAL A 77 -8.80 -7.23 -7.61
C VAL A 77 -7.93 -6.31 -8.45
N MSE A 78 -7.42 -5.25 -7.83
CA MSE A 78 -6.74 -4.20 -8.57
C MSE A 78 -5.66 -3.49 -7.75
O MSE A 78 -5.73 -3.39 -6.52
CB MSE A 78 -7.77 -3.21 -9.13
CG MSE A 78 -7.18 -2.10 -9.97
SE MSE A 78 -8.55 -0.95 -10.79
CE MSE A 78 -9.32 -0.20 -9.16
N GLY A 79 -4.65 -3.00 -8.44
CA GLY A 79 -3.52 -2.39 -7.77
C GLY A 79 -2.62 -1.65 -8.73
N LEU A 80 -1.53 -1.10 -8.20
CA LEU A 80 -0.60 -0.37 -9.03
C LEU A 80 0.75 -1.04 -8.95
N MSE A 81 1.69 -0.51 -9.71
CA MSE A 81 3.02 -1.10 -9.77
C MSE A 81 4.03 0.02 -9.85
O MSE A 81 3.76 1.08 -10.43
CB MSE A 81 3.14 -2.04 -10.96
CG MSE A 81 2.20 -3.23 -10.96
SE MSE A 81 2.62 -4.35 -12.50
CE MSE A 81 2.39 -2.98 -13.90
N LEU A 82 5.20 -0.20 -9.27
CA LEU A 82 6.25 0.82 -9.26
C LEU A 82 7.44 0.32 -10.04
N GLY A 83 8.22 1.24 -10.57
CA GLY A 83 9.40 0.82 -11.29
C GLY A 83 10.06 1.86 -12.16
N LYS A 84 11.10 1.43 -12.84
CA LYS A 84 11.89 2.30 -13.69
C LYS A 84 11.93 1.74 -15.09
N VAL A 85 11.87 2.62 -16.07
CA VAL A 85 12.08 2.25 -17.44
C VAL A 85 13.58 2.26 -17.74
N ASP A 86 14.13 1.13 -18.16
CA ASP A 86 15.50 1.06 -18.67
C ASP A 86 15.45 0.67 -20.16
N GLY A 87 15.69 1.63 -21.04
CA GLY A 87 15.46 1.42 -22.46
C GLY A 87 14.09 0.84 -22.78
N GLU A 88 14.05 -0.10 -23.73
CA GLU A 88 12.81 -0.73 -24.17
C GLU A 88 12.20 -1.64 -23.11
N THR A 89 12.95 -1.86 -22.03
CA THR A 89 12.52 -2.74 -20.93
C THR A 89 11.91 -1.93 -19.80
N MSE A 90 10.69 -2.28 -19.41
CA MSE A 90 10.09 -1.68 -18.23
C MSE A 90 10.35 -2.60 -17.06
O MSE A 90 10.23 -3.83 -17.16
CB MSE A 90 8.61 -1.44 -18.43
CG MSE A 90 8.34 -0.60 -19.66
SE MSE A 90 6.46 -0.52 -20.17
CE MSE A 90 5.82 0.65 -18.75
N ILE A 91 10.73 -2.00 -15.94
CA ILE A 91 11.12 -2.74 -14.75
C ILE A 91 10.16 -2.42 -13.62
N ILE A 92 9.53 -3.46 -13.09
CA ILE A 92 8.63 -3.32 -11.94
C ILE A 92 9.36 -3.79 -10.69
N MSE A 93 9.72 -2.85 -9.83
N MSE A 93 9.72 -2.84 -9.82
CA MSE A 93 10.38 -3.15 -8.57
CA MSE A 93 10.38 -3.15 -8.56
C MSE A 93 9.38 -3.56 -7.49
C MSE A 93 9.38 -3.55 -7.48
O MSE A 93 9.63 -4.47 -6.72
O MSE A 93 9.64 -4.45 -6.68
CB MSE A 93 11.22 -1.96 -8.11
CB MSE A 93 11.20 -1.95 -8.07
CG MSE A 93 12.43 -1.70 -8.99
CG MSE A 93 12.68 -1.99 -8.43
SE MSE A 93 13.53 -3.29 -9.28
SE MSE A 93 13.20 -0.59 -9.69
CE MSE A 93 13.75 -3.86 -7.44
CE MSE A 93 12.59 0.98 -8.72
N ASP A 94 8.25 -2.87 -7.44
CA ASP A 94 7.25 -3.10 -6.40
C ASP A 94 5.81 -3.05 -6.92
N SER A 95 4.89 -3.50 -6.08
CA SER A 95 3.47 -3.47 -6.40
C SER A 95 2.68 -3.35 -5.11
N PHE A 96 1.44 -2.91 -5.22
CA PHE A 96 0.58 -2.84 -4.05
C PHE A 96 -0.89 -2.72 -4.42
N ALA A 97 -1.73 -2.72 -3.41
CA ALA A 97 -3.17 -2.92 -3.60
C ALA A 97 -3.91 -1.61 -3.44
N LEU A 98 -4.75 -1.28 -4.42
CA LEU A 98 -5.61 -0.12 -4.28
C LEU A 98 -6.64 -0.38 -3.19
N PRO A 99 -6.80 0.59 -2.27
CA PRO A 99 -7.72 0.45 -1.14
C PRO A 99 -9.14 0.20 -1.60
N VAL A 100 -9.49 0.72 -2.77
CA VAL A 100 -10.84 0.55 -3.30
C VAL A 100 -10.91 -0.62 -4.25
N GLU A 101 -11.61 -1.67 -3.82
CA GLU A 101 -11.91 -2.78 -4.71
C GLU A 101 -13.37 -2.72 -5.15
N GLY A 102 -13.58 -2.82 -6.45
CA GLY A 102 -14.91 -2.94 -6.99
C GLY A 102 -14.92 -2.71 -8.48
N THR A 103 -16.02 -3.10 -9.12
CA THR A 103 -16.16 -2.91 -10.56
C THR A 103 -16.96 -1.66 -10.92
N GLU A 104 -17.45 -0.96 -9.91
CA GLU A 104 -18.26 0.24 -10.14
C GLU A 104 -17.35 1.39 -10.56
N THR A 105 -16.09 1.30 -10.17
CA THR A 105 -15.08 2.28 -10.58
C THR A 105 -14.72 2.04 -12.03
N ARG A 106 -15.26 0.95 -12.59
CA ARG A 106 -14.95 0.53 -13.94
C ARG A 106 -16.18 0.57 -14.87
N VAL A 107 -17.11 -0.33 -14.62
CA VAL A 107 -18.31 -0.48 -15.47
C VAL A 107 -19.17 0.79 -15.59
N ASN A 108 -19.15 1.62 -14.55
CA ASN A 108 -20.06 2.77 -14.49
C ASN A 108 -19.70 3.96 -15.37
N ALA A 109 -18.51 3.95 -15.96
CA ALA A 109 -18.09 5.02 -16.85
C ALA A 109 -16.69 4.76 -17.39
N GLN A 110 -16.36 5.41 -18.50
CA GLN A 110 -15.10 5.19 -19.20
C GLN A 110 -13.87 5.45 -18.33
N ALA A 111 -13.69 6.72 -17.98
CA ALA A 111 -12.48 7.21 -17.34
C ALA A 111 -12.44 7.07 -15.82
N ALA A 112 -13.52 6.54 -15.23
CA ALA A 112 -13.64 6.41 -13.78
C ALA A 112 -12.42 5.77 -13.12
N ALA A 113 -12.02 4.61 -13.65
CA ALA A 113 -10.88 3.86 -13.13
C ALA A 113 -9.55 4.59 -13.32
N TYR A 114 -9.32 5.13 -14.52
CA TYR A 114 -8.09 5.88 -14.76
C TYR A 114 -8.02 7.12 -13.86
N GLU A 115 -9.17 7.74 -13.60
CA GLU A 115 -9.21 8.88 -12.71
C GLU A 115 -8.89 8.51 -11.26
N TYR A 116 -9.50 7.43 -10.76
CA TYR A 116 -9.18 6.96 -9.41
C TYR A 116 -7.67 6.70 -9.31
N MSE A 117 -7.18 5.93 -10.28
CA MSE A 117 -5.75 5.66 -10.42
C MSE A 117 -4.91 6.95 -10.32
O MSE A 117 -4.09 7.12 -9.39
CB MSE A 117 -5.53 4.97 -11.77
CG MSE A 117 -4.50 3.87 -11.79
SE MSE A 117 -5.09 2.26 -12.75
CE MSE A 117 -6.11 1.45 -11.29
N ALA A 118 -5.10 7.88 -11.26
CA ALA A 118 -4.33 9.13 -11.33
C ALA A 118 -4.46 10.02 -10.09
N ALA A 119 -5.63 10.05 -9.46
CA ALA A 119 -5.81 10.83 -8.25
C ALA A 119 -5.08 10.18 -7.07
N TYR A 120 -5.14 8.85 -6.99
CA TYR A 120 -4.44 8.11 -5.95
C TYR A 120 -2.94 8.37 -6.07
N ILE A 121 -2.41 8.18 -7.27
CA ILE A 121 -0.99 8.44 -7.56
C ILE A 121 -0.62 9.90 -7.23
N GLU A 122 -1.42 10.81 -7.76
CA GLU A 122 -1.21 12.24 -7.58
C GLU A 122 -1.04 12.49 -6.08
N ASN A 123 -1.94 11.93 -5.29
CA ASN A 123 -1.87 12.10 -3.84
C ASN A 123 -0.66 11.41 -3.21
N ALA A 124 -0.29 10.25 -3.76
CA ALA A 124 0.69 9.36 -3.14
C ALA A 124 2.12 9.78 -3.47
N LYS A 125 2.24 10.82 -4.30
CA LYS A 125 3.49 11.58 -4.42
C LYS A 125 3.16 13.06 -4.26
N GLN A 126 4.18 13.91 -4.26
CA GLN A 126 3.93 15.32 -4.01
C GLN A 126 3.55 15.44 -2.53
N VAL A 127 3.30 14.28 -1.92
CA VAL A 127 3.19 14.10 -0.47
C VAL A 127 3.64 12.65 -0.20
N GLY A 128 3.48 12.18 1.03
CA GLY A 128 4.38 11.17 1.57
C GLY A 128 4.75 9.94 0.78
N ARG A 129 6.07 9.70 0.74
CA ARG A 129 6.70 8.50 0.21
C ARG A 129 6.72 8.48 -1.32
N LEU A 130 5.90 9.35 -1.91
CA LEU A 130 5.89 9.63 -3.33
C LEU A 130 5.80 8.36 -4.20
N GLU A 131 6.49 8.35 -5.34
CA GLU A 131 6.63 7.16 -6.15
C GLU A 131 7.28 7.46 -7.50
N ASN A 132 7.53 6.41 -8.27
CA ASN A 132 7.25 6.48 -9.71
C ASN A 132 6.40 5.29 -10.12
N ALA A 133 5.17 5.56 -10.54
CA ALA A 133 4.22 4.50 -10.85
C ALA A 133 4.36 4.11 -12.31
N ILE A 134 4.81 2.88 -12.55
CA ILE A 134 5.10 2.44 -13.91
C ILE A 134 3.98 1.63 -14.56
N GLY A 135 2.90 1.42 -13.82
CA GLY A 135 1.74 0.73 -14.38
C GLY A 135 0.66 0.34 -13.36
N TRP A 136 -0.32 -0.44 -13.81
CA TRP A 136 -1.39 -0.93 -12.95
C TRP A 136 -1.65 -2.40 -13.24
N TYR A 137 -2.22 -3.12 -12.27
CA TYR A 137 -2.52 -4.53 -12.46
C TYR A 137 -3.89 -4.91 -11.93
N HIS A 138 -4.58 -5.80 -12.65
CA HIS A 138 -5.80 -6.41 -12.10
C HIS A 138 -5.85 -7.91 -12.38
N SER A 139 -6.88 -8.59 -11.88
CA SER A 139 -6.94 -10.06 -12.02
C SER A 139 -8.10 -10.56 -12.87
N HIS A 140 -7.83 -11.60 -13.64
CA HIS A 140 -8.86 -12.27 -14.44
C HIS A 140 -8.97 -13.73 -13.97
N PRO A 141 -9.60 -13.93 -12.80
CA PRO A 141 -9.53 -15.22 -12.07
C PRO A 141 -10.32 -16.32 -12.76
N GLY A 142 -9.66 -16.98 -13.71
CA GLY A 142 -10.16 -18.15 -14.41
C GLY A 142 -10.47 -17.95 -15.87
N TYR A 143 -10.55 -16.70 -16.30
CA TYR A 143 -10.71 -16.38 -17.72
C TYR A 143 -9.38 -16.01 -18.43
N GLY A 144 -8.28 -16.08 -17.70
CA GLY A 144 -6.96 -15.91 -18.30
C GLY A 144 -6.54 -14.46 -18.52
N CYS A 145 -5.34 -14.26 -19.09
CA CYS A 145 -4.73 -12.92 -19.22
C CYS A 145 -4.86 -12.25 -20.60
N TRP A 146 -5.60 -11.15 -20.65
CA TRP A 146 -5.83 -10.37 -21.89
C TRP A 146 -6.45 -9.03 -21.54
N LEU A 147 -6.80 -8.22 -22.53
CA LEU A 147 -7.42 -6.93 -22.24
C LEU A 147 -8.88 -6.79 -22.73
N SER A 148 -9.78 -6.54 -21.77
CA SER A 148 -11.18 -6.21 -22.01
C SER A 148 -11.29 -4.79 -22.55
N GLY A 149 -12.43 -4.47 -23.17
CA GLY A 149 -12.68 -3.13 -23.67
C GLY A 149 -12.39 -2.06 -22.64
N ILE A 150 -12.75 -2.33 -21.39
CA ILE A 150 -12.50 -1.34 -20.36
C ILE A 150 -11.03 -1.31 -19.95
N ASP A 151 -10.39 -2.49 -19.98
CA ASP A 151 -8.97 -2.53 -19.70
C ASP A 151 -8.29 -1.63 -20.72
N VAL A 152 -8.76 -1.72 -21.97
CA VAL A 152 -8.08 -1.09 -23.09
C VAL A 152 -8.30 0.41 -23.11
N SER A 153 -9.52 0.82 -22.79
CA SER A 153 -9.77 2.25 -22.77
C SER A 153 -8.96 2.84 -21.61
N THR A 154 -9.05 2.19 -20.46
CA THR A 154 -8.30 2.62 -19.29
C THR A 154 -6.79 2.73 -19.55
N GLN A 155 -6.24 1.72 -20.22
CA GLN A 155 -4.81 1.71 -20.48
C GLN A 155 -4.44 2.77 -21.51
N MSE A 156 -5.38 3.10 -22.40
CA MSE A 156 -5.13 4.17 -23.35
C MSE A 156 -5.06 5.53 -22.65
O MSE A 156 -4.15 6.33 -22.91
CB MSE A 156 -6.17 4.19 -24.48
CG MSE A 156 -5.93 3.15 -25.60
SE MSE A 156 -7.46 3.08 -26.87
CE MSE A 156 -6.69 1.97 -28.30
N LEU A 157 -6.01 5.79 -21.75
CA LEU A 157 -5.94 7.02 -20.96
C LEU A 157 -4.62 7.07 -20.18
N ASN A 158 -4.23 5.93 -19.62
CA ASN A 158 -2.94 5.83 -18.95
C ASN A 158 -1.78 6.21 -19.86
N GLN A 159 -1.78 5.69 -21.08
CA GLN A 159 -0.64 5.92 -21.98
C GLN A 159 -0.71 7.30 -22.64
N GLN A 160 -1.82 8.01 -22.43
CA GLN A 160 -1.86 9.41 -22.78
C GLN A 160 -1.21 10.20 -21.64
N PHE A 161 -1.88 10.21 -20.50
CA PHE A 161 -1.46 11.05 -19.36
C PHE A 161 -0.36 10.52 -18.44
N GLN A 162 -0.33 9.20 -18.24
CA GLN A 162 0.54 8.59 -17.22
C GLN A 162 1.90 8.04 -17.74
N GLU A 163 2.20 8.23 -19.03
CA GLU A 163 3.31 7.57 -19.70
C GLU A 163 4.64 7.77 -18.97
N PRO A 164 5.54 6.74 -18.97
CA PRO A 164 5.29 5.40 -19.50
C PRO A 164 4.40 4.63 -18.54
N PHE A 165 3.52 3.78 -19.06
CA PHE A 165 2.64 2.99 -18.23
C PHE A 165 2.37 1.65 -18.90
N VAL A 166 2.04 0.65 -18.10
CA VAL A 166 1.81 -0.67 -18.64
C VAL A 166 0.62 -1.25 -17.90
N ALA A 167 -0.11 -2.15 -18.54
CA ALA A 167 -1.20 -2.84 -17.85
C ALA A 167 -0.81 -4.29 -17.60
N VAL A 168 -0.80 -4.72 -16.33
CA VAL A 168 -0.49 -6.13 -16.04
C VAL A 168 -1.77 -6.87 -15.68
N VAL A 169 -2.06 -7.97 -16.38
CA VAL A 169 -3.19 -8.83 -16.02
C VAL A 169 -2.64 -10.13 -15.43
N ILE A 170 -3.33 -10.67 -14.43
CA ILE A 170 -2.88 -11.91 -13.79
C ILE A 170 -4.05 -12.88 -13.49
N ASP A 171 -3.82 -14.19 -13.68
CA ASP A 171 -4.86 -15.22 -13.41
C ASP A 171 -4.36 -16.30 -12.47
N PRO A 172 -4.59 -16.10 -11.15
CA PRO A 172 -3.99 -16.90 -10.08
C PRO A 172 -4.48 -18.35 -10.05
N THR A 173 -5.63 -18.63 -10.68
CA THR A 173 -6.28 -19.93 -10.52
C THR A 173 -5.44 -21.09 -11.03
N ARG A 174 -5.73 -22.29 -10.52
CA ARG A 174 -5.01 -23.50 -10.89
C ARG A 174 -3.54 -23.39 -10.49
N THR A 175 -2.67 -23.70 -11.46
CA THR A 175 -1.23 -23.69 -11.27
C THR A 175 -0.74 -24.40 -10.00
N ILE A 176 -0.99 -25.70 -9.91
CA ILE A 176 -0.26 -26.58 -8.99
C ILE A 176 -0.09 -26.02 -7.58
N SER A 177 1.15 -26.07 -7.07
CA SER A 177 1.48 -25.43 -5.80
C SER A 177 2.59 -24.40 -6.04
N ALA A 178 3.80 -24.87 -6.29
CA ALA A 178 4.85 -23.97 -6.72
C ALA A 178 4.98 -24.15 -8.22
N GLY A 179 4.53 -23.16 -8.98
CA GLY A 179 4.44 -23.32 -10.42
C GLY A 179 4.26 -22.04 -11.22
N LYS A 180 4.28 -22.18 -12.54
CA LYS A 180 4.36 -21.02 -13.40
C LYS A 180 3.20 -20.07 -13.18
N VAL A 181 3.52 -18.82 -12.87
CA VAL A 181 2.49 -17.79 -12.78
C VAL A 181 1.82 -17.63 -14.15
N ASN A 182 0.52 -17.36 -14.13
CA ASN A 182 -0.17 -16.96 -15.34
C ASN A 182 -0.26 -15.43 -15.28
N LEU A 183 0.48 -14.76 -16.16
CA LEU A 183 0.56 -13.30 -16.12
C LEU A 183 0.75 -12.76 -17.53
N GLY A 184 0.42 -11.48 -17.74
CA GLY A 184 0.72 -10.82 -18.99
C GLY A 184 0.87 -9.34 -18.76
N ALA A 185 1.64 -8.71 -19.63
CA ALA A 185 1.88 -7.28 -19.53
C ALA A 185 1.64 -6.68 -20.90
N PHE A 186 0.84 -5.62 -20.94
CA PHE A 186 0.31 -5.13 -22.21
C PHE A 186 0.42 -3.62 -22.36
N ARG A 187 0.60 -3.18 -23.61
CA ARG A 187 0.48 -1.75 -23.94
C ARG A 187 -0.55 -1.53 -25.04
N THR A 188 -1.30 -0.44 -24.94
CA THR A 188 -2.28 -0.10 -25.98
C THR A 188 -1.65 0.64 -27.15
N TYR A 189 -2.49 0.92 -28.14
CA TYR A 189 -2.11 1.72 -29.30
C TYR A 189 -3.00 2.95 -29.35
N PRO A 190 -2.46 4.07 -29.84
CA PRO A 190 -3.24 5.31 -29.96
C PRO A 190 -4.45 5.10 -30.87
N LYS A 191 -5.48 5.94 -30.74
CA LYS A 191 -6.77 5.68 -31.39
C LYS A 191 -6.72 5.33 -32.87
N GLY A 192 -5.79 5.93 -33.60
CA GLY A 192 -5.65 5.66 -35.01
C GLY A 192 -4.95 4.36 -35.38
N TYR A 193 -3.88 4.04 -34.66
CA TYR A 193 -2.82 3.19 -35.19
C TYR A 193 -3.25 1.86 -35.82
N LYS A 194 -2.76 1.65 -37.05
CA LYS A 194 -2.96 0.45 -37.85
C LYS A 194 -1.63 0.12 -38.52
N PRO A 195 -0.71 -0.59 -37.82
CA PRO A 195 0.61 -1.03 -38.27
C PRO A 195 0.46 -2.40 -38.92
N PRO A 196 -0.27 -2.45 -40.06
CA PRO A 196 -0.94 -3.68 -40.48
C PRO A 196 -0.04 -4.72 -41.15
N ASP A 197 1.05 -5.11 -40.50
CA ASP A 197 1.95 -6.10 -41.09
C ASP A 197 2.20 -5.84 -42.59
N LYS A 219 -5.68 -5.13 -33.80
CA LYS A 219 -5.92 -5.16 -32.36
C LYS A 219 -5.38 -3.90 -31.70
N GLN A 220 -6.01 -3.47 -30.62
CA GLN A 220 -5.74 -2.16 -30.03
C GLN A 220 -4.61 -2.21 -29.01
N TYR A 221 -4.01 -3.39 -28.85
CA TYR A 221 -2.92 -3.53 -27.89
C TYR A 221 -1.98 -4.65 -28.25
N TYR A 222 -0.94 -4.83 -27.44
CA TYR A 222 0.05 -5.87 -27.67
C TYR A 222 0.75 -6.28 -26.39
N ALA A 223 1.38 -7.45 -26.43
CA ALA A 223 1.95 -8.04 -25.24
C ALA A 223 3.47 -7.91 -25.20
N LEU A 224 3.95 -7.37 -24.09
CA LEU A 224 5.37 -7.32 -23.85
C LEU A 224 5.87 -8.72 -23.48
N GLU A 225 7.17 -8.83 -23.26
CA GLU A 225 7.78 -10.11 -22.92
C GLU A 225 8.26 -10.04 -21.47
N VAL A 226 7.64 -10.86 -20.61
CA VAL A 226 7.80 -10.77 -19.16
C VAL A 226 8.88 -11.69 -18.62
N SER A 227 9.73 -11.14 -17.74
CA SER A 227 10.76 -11.91 -17.07
C SER A 227 10.69 -11.62 -15.57
N TYR A 228 11.19 -12.56 -14.78
CA TYR A 228 11.17 -12.38 -13.33
C TYR A 228 12.59 -12.43 -12.78
N PHE A 229 12.85 -11.63 -11.75
CA PHE A 229 14.16 -11.53 -11.11
C PHE A 229 13.97 -11.23 -9.62
N LYS A 230 15.02 -11.44 -8.82
CA LYS A 230 14.93 -11.07 -7.42
C LYS A 230 16.19 -10.37 -6.92
N SER A 231 16.03 -9.15 -6.41
CA SER A 231 17.14 -8.39 -5.84
C SER A 231 17.64 -9.05 -4.57
N SER A 232 18.88 -8.74 -4.19
CA SER A 232 19.46 -9.30 -2.96
C SER A 232 18.79 -8.78 -1.67
N LEU A 233 18.19 -7.58 -1.73
CA LEU A 233 17.53 -7.02 -0.56
C LEU A 233 16.03 -7.40 -0.46
N ASP A 234 15.51 -8.07 -1.50
CA ASP A 234 14.15 -8.61 -1.50
C ASP A 234 14.01 -9.77 -0.51
N ARG A 235 15.14 -10.41 -0.24
CA ARG A 235 15.20 -11.78 0.27
C ARG A 235 14.51 -12.10 1.61
N LYS A 236 14.71 -11.29 2.64
CA LYS A 236 14.03 -11.54 3.91
C LYS A 236 12.53 -11.31 3.81
N LEU A 237 12.15 -10.18 3.23
CA LEU A 237 10.75 -9.92 2.93
C LEU A 237 10.20 -11.09 2.13
N LEU A 238 10.89 -11.43 1.05
CA LEU A 238 10.50 -12.56 0.22
C LEU A 238 10.25 -13.78 1.08
N GLU A 239 11.07 -13.97 2.11
CA GLU A 239 10.95 -15.15 2.96
C GLU A 239 9.67 -15.12 3.80
N LEU A 240 9.44 -14.01 4.50
CA LEU A 240 8.22 -13.90 5.32
C LEU A 240 6.98 -14.04 4.44
N LEU A 241 6.98 -13.29 3.34
CA LEU A 241 5.86 -13.26 2.42
C LEU A 241 5.58 -14.66 1.91
N TRP A 242 6.62 -15.31 1.40
CA TRP A 242 6.44 -16.63 0.82
C TRP A 242 5.96 -17.58 1.89
N ASN A 243 6.45 -17.37 3.11
CA ASN A 243 5.96 -18.13 4.25
C ASN A 243 4.43 -18.02 4.36
N LYS A 244 3.93 -16.81 4.60
CA LYS A 244 2.49 -16.65 4.70
C LYS A 244 1.78 -17.31 3.51
N TYR A 245 2.25 -17.02 2.30
CA TYR A 245 1.65 -17.58 1.10
C TYR A 245 1.57 -19.11 1.12
N TRP A 246 2.64 -19.75 1.58
CA TRP A 246 2.71 -21.20 1.55
C TRP A 246 1.84 -21.81 2.65
N VAL A 247 1.89 -21.20 3.83
CA VAL A 247 1.02 -21.58 4.94
C VAL A 247 -0.46 -21.54 4.54
N ASN A 248 -0.84 -20.47 3.86
CA ASN A 248 -2.21 -20.36 3.37
C ASN A 248 -2.49 -21.33 2.22
N THR A 249 -1.45 -21.72 1.49
CA THR A 249 -1.60 -22.80 0.52
C THR A 249 -1.94 -24.12 1.24
N LEU A 250 -1.25 -24.39 2.34
CA LEU A 250 -1.46 -25.63 3.08
C LEU A 250 -2.84 -25.72 3.71
N SER A 251 -3.48 -24.57 3.96
CA SER A 251 -4.78 -24.60 4.61
C SER A 251 -5.92 -24.96 3.65
N SER A 252 -5.66 -24.89 2.34
CA SER A 252 -6.58 -25.42 1.34
C SER A 252 -5.84 -26.31 0.33
N SER A 253 -6.13 -27.61 0.35
CA SER A 253 -5.20 -28.61 -0.22
C SER A 253 -5.73 -30.05 -0.14
N SER A 254 -4.97 -31.02 -0.67
CA SER A 254 -5.46 -32.04 -1.61
C SER A 254 -5.23 -31.48 -3.02
N LEU A 255 -4.80 -30.23 -3.10
CA LEU A 255 -4.21 -29.73 -4.34
C LEU A 255 -2.79 -30.30 -4.48
N LEU A 256 -2.04 -30.30 -3.38
CA LEU A 256 -0.75 -30.97 -3.34
C LEU A 256 -0.93 -32.36 -2.77
N THR A 257 -0.75 -33.37 -3.62
CA THR A 257 -1.21 -34.72 -3.33
C THR A 257 -0.05 -35.68 -3.12
N ALA B 2 -32.24 12.31 1.17
CA ALA B 2 -31.21 13.34 1.28
C ALA B 2 -30.12 12.96 2.27
N ALA B 3 -30.48 12.92 3.55
CA ALA B 3 -29.52 12.62 4.62
C ALA B 3 -29.33 11.11 4.77
N SER B 4 -30.06 10.35 3.97
CA SER B 4 -29.92 8.91 3.93
C SER B 4 -28.95 8.51 2.81
N GLY B 5 -28.42 9.53 2.13
CA GLY B 5 -27.45 9.33 1.08
C GLY B 5 -26.03 9.45 1.60
N SER B 6 -25.06 9.12 0.76
CA SER B 6 -23.69 9.09 1.21
C SER B 6 -23.20 10.48 1.63
N GLY B 7 -23.57 11.52 0.86
CA GLY B 7 -23.05 12.86 1.10
C GLY B 7 -23.29 13.39 2.50
N MSE B 8 -24.56 13.37 2.91
CA MSE B 8 -24.88 13.84 4.24
C MSE B 8 -24.36 12.94 5.35
O MSE B 8 -24.07 13.40 6.45
CB MSE B 8 -26.39 14.08 4.38
CG MSE B 8 -26.90 15.29 3.57
SE MSE B 8 -26.38 17.06 4.21
CE MSE B 8 -24.75 17.28 3.18
N ALA B 9 -24.23 11.64 5.07
CA ALA B 9 -23.61 10.75 6.05
C ALA B 9 -22.14 11.13 6.26
N GLN B 10 -21.44 11.43 5.17
CA GLN B 10 -20.06 11.86 5.25
C GLN B 10 -20.00 13.14 6.06
N LYS B 11 -20.99 14.01 5.86
CA LYS B 11 -21.10 15.22 6.67
C LYS B 11 -21.19 14.93 8.15
N THR B 12 -22.09 14.01 8.49
CA THR B 12 -22.34 13.65 9.87
C THR B 12 -21.07 13.07 10.48
N TRP B 13 -20.38 12.23 9.71
CA TRP B 13 -19.14 11.59 10.14
C TRP B 13 -18.06 12.61 10.43
N GLU B 14 -17.87 13.53 9.49
CA GLU B 14 -16.89 14.59 9.68
C GLU B 14 -17.20 15.39 10.94
N LEU B 15 -18.44 15.87 11.03
CA LEU B 15 -18.86 16.67 12.18
C LEU B 15 -18.65 15.92 13.50
N ALA B 16 -18.98 14.63 13.50
CA ALA B 16 -18.93 13.81 14.70
C ALA B 16 -17.50 13.52 15.13
N ASN B 17 -16.58 13.53 14.16
CA ASN B 17 -15.18 13.38 14.47
C ASN B 17 -14.44 14.72 14.66
N ASN B 18 -15.22 15.80 14.61
CA ASN B 18 -14.69 17.15 14.78
C ASN B 18 -13.56 17.47 13.82
N MSE B 19 -13.71 17.02 12.58
CA MSE B 19 -12.70 17.31 11.56
C MSE B 19 -12.65 18.80 11.26
O MSE B 19 -13.69 19.45 11.06
CB MSE B 19 -12.96 16.49 10.29
CG MSE B 19 -11.70 15.82 9.74
SE MSE B 19 -12.09 14.24 8.71
CE MSE B 19 -12.95 13.16 10.10
N GLN B 20 -11.44 19.34 11.23
CA GLN B 20 -11.24 20.73 10.84
C GLN B 20 -10.67 20.77 9.42
N GLU B 21 -11.25 21.61 8.57
CA GLU B 21 -10.81 21.76 7.19
C GLU B 21 -9.58 22.67 7.06
N ALA B 22 -8.74 22.39 6.07
CA ALA B 22 -7.54 23.17 5.80
C ALA B 22 -7.01 22.83 4.40
N GLN B 23 -5.89 23.46 4.05
CA GLN B 23 -5.14 23.05 2.86
C GLN B 23 -3.67 22.94 3.22
N SER B 24 -3.14 21.73 3.06
CA SER B 24 -1.71 21.45 3.11
C SER B 24 -0.97 22.06 4.29
N ILE B 25 0.03 22.88 3.97
CA ILE B 25 0.91 23.49 4.96
C ILE B 25 0.17 24.41 5.91
N ASP B 26 -1.01 24.85 5.49
CA ASP B 26 -1.77 25.86 6.23
C ASP B 26 -2.46 25.34 7.48
N GLU B 27 -2.19 25.98 8.60
CA GLU B 27 -3.06 25.88 9.77
C GLU B 27 -3.08 24.51 10.46
N ILE B 28 -2.53 23.49 9.82
CA ILE B 28 -2.21 22.26 10.54
C ILE B 28 -0.87 22.40 11.26
N TYR B 29 0.08 23.05 10.59
CA TYR B 29 1.42 23.27 11.14
C TYR B 29 1.48 24.50 12.03
N LYS B 30 2.23 24.39 13.13
CA LYS B 30 2.69 25.56 13.86
C LYS B 30 3.89 26.18 13.17
N TYR B 31 4.62 25.37 12.41
CA TYR B 31 5.96 25.73 11.93
C TYR B 31 6.14 25.62 10.43
N ASP B 32 7.23 26.20 9.94
CA ASP B 32 7.64 26.06 8.54
C ASP B 32 8.97 25.32 8.50
N LYS B 33 9.30 24.74 7.36
CA LYS B 33 10.31 23.68 7.29
C LYS B 33 11.62 24.01 8.02
N LYS B 34 11.99 25.29 8.06
CA LYS B 34 13.25 25.70 8.69
C LYS B 34 13.38 25.23 10.15
N GLN B 35 12.41 25.62 10.98
CA GLN B 35 12.46 25.28 12.40
C GLN B 35 12.20 23.80 12.62
N GLN B 36 11.27 23.25 11.85
CA GLN B 36 10.97 21.82 11.91
C GLN B 36 12.27 21.03 11.73
N GLN B 37 13.09 21.48 10.79
CA GLN B 37 14.40 20.86 10.57
C GLN B 37 15.35 21.19 11.71
N GLU B 38 15.20 22.37 12.28
CA GLU B 38 16.00 22.76 13.44
C GLU B 38 15.88 21.72 14.55
N ILE B 39 14.67 21.60 15.11
CA ILE B 39 14.44 20.61 16.17
C ILE B 39 14.59 19.19 15.65
N LEU B 40 14.40 19.00 14.34
CA LEU B 40 14.55 17.69 13.74
C LEU B 40 16.01 17.23 13.91
N ALA B 41 16.92 18.20 13.86
CA ALA B 41 18.32 17.93 14.17
C ALA B 41 18.49 17.87 15.68
N ALA B 42 17.78 18.74 16.40
CA ALA B 42 17.86 18.81 17.86
C ALA B 42 17.52 17.48 18.53
N LYS B 43 16.56 16.77 17.97
CA LYS B 43 16.07 15.54 18.57
C LYS B 43 15.64 15.80 20.01
N PRO B 44 14.67 16.72 20.17
CA PRO B 44 14.16 17.10 21.50
C PRO B 44 13.70 15.86 22.25
N TRP B 45 13.17 14.87 21.55
CA TRP B 45 12.85 13.62 22.22
C TRP B 45 14.17 12.97 22.72
N THR B 46 14.02 12.13 23.72
CA THR B 46 15.09 11.52 24.54
C THR B 46 15.67 12.49 25.53
N LYS B 47 15.51 13.78 25.28
CA LYS B 47 15.49 14.79 26.31
C LYS B 47 14.29 14.53 27.21
N ASP B 48 13.13 14.66 26.57
CA ASP B 48 11.83 14.57 27.20
C ASP B 48 11.09 13.35 26.69
N HIS B 49 10.81 12.42 27.60
CA HIS B 49 10.05 11.22 27.26
C HIS B 49 8.59 11.60 27.01
N HIS B 50 8.19 12.76 27.51
CA HIS B 50 6.84 13.27 27.35
C HIS B 50 6.75 14.21 26.14
N TYR B 51 7.83 14.31 25.37
CA TYR B 51 7.94 15.32 24.32
C TYR B 51 6.68 15.43 23.47
N PHE B 52 6.32 14.39 22.74
CA PHE B 52 5.13 14.48 21.88
C PHE B 52 3.86 14.30 22.69
N LYS B 53 3.03 15.34 22.73
CA LYS B 53 1.70 15.26 23.33
C LYS B 53 0.56 15.10 22.33
N TYR B 54 0.88 15.12 21.04
CA TYR B 54 -0.16 15.38 20.03
C TYR B 54 -0.08 14.56 18.78
N CYS B 55 -1.25 14.15 18.28
CA CYS B 55 -1.32 13.48 17.00
C CYS B 55 -2.49 13.98 16.15
N LYS B 56 -2.21 14.33 14.91
CA LYS B 56 -3.24 14.80 13.99
C LYS B 56 -3.34 13.86 12.78
N ILE B 57 -4.54 13.36 12.52
CA ILE B 57 -4.72 12.39 11.46
C ILE B 57 -5.49 12.92 10.26
N SER B 58 -4.88 12.83 9.08
CA SER B 58 -5.57 13.13 7.83
C SER B 58 -6.84 12.31 7.71
N ALA B 59 -7.89 12.87 7.13
CA ALA B 59 -9.15 12.14 7.03
C ALA B 59 -8.99 10.90 6.16
N LEU B 60 -8.10 10.97 5.17
CA LEU B 60 -7.82 9.85 4.29
C LEU B 60 -7.15 8.68 5.03
N ALA B 61 -6.12 8.98 5.80
CA ALA B 61 -5.49 8.01 6.66
C ALA B 61 -6.54 7.35 7.56
N LEU B 62 -7.40 8.18 8.14
CA LEU B 62 -8.40 7.72 9.09
C LEU B 62 -9.42 6.80 8.44
N LEU B 63 -9.97 7.23 7.32
CA LEU B 63 -11.00 6.45 6.63
C LEU B 63 -10.38 5.17 6.11
N LYS B 64 -9.14 5.23 5.68
CA LYS B 64 -8.50 4.06 5.10
C LYS B 64 -8.23 3.04 6.19
N MSE B 65 -7.73 3.51 7.32
CA MSE B 65 -7.47 2.64 8.44
C MSE B 65 -8.78 2.02 8.90
O MSE B 65 -8.84 0.82 9.16
CB MSE B 65 -6.84 3.41 9.60
CG MSE B 65 -5.38 3.76 9.39
SE MSE B 65 -4.66 4.54 11.03
CE MSE B 65 -5.19 6.40 10.66
N VAL B 66 -9.82 2.84 8.98
CA VAL B 66 -11.13 2.38 9.42
C VAL B 66 -11.74 1.33 8.47
N MSE B 67 -11.70 1.58 7.17
CA MSE B 67 -12.12 0.61 6.16
C MSE B 67 -11.34 -0.69 6.27
O MSE B 67 -11.91 -1.77 6.19
CB MSE B 67 -12.02 1.20 4.76
CG MSE B 67 -13.33 1.85 4.27
SE MSE B 67 -13.14 3.12 2.79
CE MSE B 67 -12.51 1.94 1.35
N HIS B 68 -10.02 -0.61 6.45
CA HIS B 68 -9.19 -1.80 6.58
C HIS B 68 -9.59 -2.60 7.82
N ALA B 69 -9.71 -1.89 8.93
CA ALA B 69 -10.11 -2.43 10.22
C ALA B 69 -11.48 -3.09 10.18
N ARG B 70 -12.40 -2.50 9.44
CA ARG B 70 -13.77 -3.01 9.35
C ARG B 70 -13.83 -4.24 8.45
N SER B 71 -13.20 -4.12 7.27
CA SER B 71 -13.06 -5.25 6.36
C SER B 71 -12.40 -6.45 7.06
N GLY B 72 -11.50 -6.15 7.99
CA GLY B 72 -10.80 -7.20 8.72
C GLY B 72 -11.72 -8.07 9.55
N GLY B 73 -12.89 -7.54 9.88
CA GLY B 73 -13.84 -8.28 10.68
C GLY B 73 -13.32 -8.50 12.09
N ASN B 74 -13.27 -9.77 12.51
CA ASN B 74 -12.77 -10.08 13.84
C ASN B 74 -11.27 -10.43 13.84
N LEU B 75 -10.67 -10.41 12.66
CA LEU B 75 -9.22 -10.55 12.53
C LEU B 75 -8.55 -9.25 12.98
N GLU B 76 -7.46 -9.37 13.74
CA GLU B 76 -6.67 -8.19 14.08
C GLU B 76 -5.85 -7.77 12.88
N VAL B 77 -6.01 -6.53 12.47
CA VAL B 77 -5.44 -6.04 11.23
C VAL B 77 -4.24 -5.15 11.55
N MSE B 78 -3.25 -5.16 10.66
CA MSE B 78 -2.04 -4.35 10.85
C MSE B 78 -1.72 -3.52 9.61
O MSE B 78 -1.83 -4.01 8.48
CB MSE B 78 -0.84 -5.23 11.14
CG MSE B 78 -0.36 -5.23 12.58
SE MSE B 78 1.49 -5.89 12.60
CE MSE B 78 1.33 -7.28 11.25
N GLY B 79 -1.31 -2.28 9.83
CA GLY B 79 -0.92 -1.40 8.74
C GLY B 79 0.10 -0.37 9.20
N LEU B 80 0.51 0.50 8.28
CA LEU B 80 1.58 1.47 8.55
C LEU B 80 1.05 2.87 8.34
N MSE B 81 1.78 3.84 8.87
CA MSE B 81 1.37 5.23 8.74
C MSE B 81 2.51 6.15 8.32
O MSE B 81 3.63 6.07 8.85
CB MSE B 81 0.76 5.73 10.05
CG MSE B 81 -0.38 4.87 10.57
SE MSE B 81 -1.00 5.59 12.26
CE MSE B 81 0.80 5.75 13.07
N LEU B 82 2.22 7.04 7.37
CA LEU B 82 3.19 7.99 6.85
C LEU B 82 2.85 9.38 7.35
N GLY B 83 3.84 10.10 7.85
CA GLY B 83 3.61 11.38 8.47
C GLY B 83 4.92 12.11 8.71
N LYS B 84 4.88 13.14 9.53
CA LYS B 84 6.06 13.93 9.81
C LYS B 84 5.95 14.55 11.20
N VAL B 85 7.08 14.99 11.74
CA VAL B 85 7.05 15.63 13.05
C VAL B 85 6.95 17.16 12.92
N ASP B 86 5.86 17.72 13.41
CA ASP B 86 5.77 19.16 13.57
C ASP B 86 5.75 19.46 15.07
N GLY B 87 6.86 19.96 15.59
CA GLY B 87 6.99 20.16 17.02
C GLY B 87 6.75 18.89 17.83
N GLU B 88 5.88 18.99 18.83
CA GLU B 88 5.55 17.83 19.66
C GLU B 88 4.32 17.14 19.09
N THR B 89 3.85 17.67 17.97
CA THR B 89 2.75 17.07 17.25
C THR B 89 3.27 16.10 16.20
N MSE B 90 2.74 14.89 16.20
CA MSE B 90 3.00 13.95 15.14
C MSE B 90 1.87 14.06 14.13
O MSE B 90 0.69 14.09 14.50
CB MSE B 90 3.10 12.55 15.72
CG MSE B 90 3.90 12.53 17.01
SE MSE B 90 4.66 10.78 17.43
CE MSE B 90 5.84 10.61 15.87
N ILE B 91 2.20 14.18 12.85
CA ILE B 91 1.19 14.42 11.82
C ILE B 91 1.06 13.27 10.83
N ILE B 92 -0.14 12.69 10.74
CA ILE B 92 -0.35 11.52 9.91
C ILE B 92 -1.03 11.89 8.61
N MSE B 93 -0.28 11.86 7.52
N MSE B 93 -0.27 11.87 7.52
CA MSE B 93 -0.81 12.17 6.21
CA MSE B 93 -0.79 12.19 6.20
C MSE B 93 -1.54 11.00 5.57
C MSE B 93 -1.51 11.02 5.55
O MSE B 93 -2.58 11.18 4.95
O MSE B 93 -2.52 11.20 4.89
CB MSE B 93 0.31 12.65 5.29
CB MSE B 93 0.32 12.72 5.30
CG MSE B 93 0.89 13.99 5.72
CG MSE B 93 0.42 14.26 5.26
SE MSE B 93 -0.53 15.31 5.94
SE MSE B 93 2.13 15.03 5.81
CE MSE B 93 -0.67 15.88 4.07
CE MSE B 93 3.32 14.15 4.53
N ASP B 94 -0.99 9.81 5.75
CA ASP B 94 -1.53 8.65 5.06
C ASP B 94 -1.30 7.33 5.79
N SER B 95 -2.08 6.31 5.40
CA SER B 95 -1.92 4.96 5.94
C SER B 95 -2.01 3.95 4.82
N PHE B 96 -1.82 2.68 5.16
CA PHE B 96 -2.01 1.62 4.17
C PHE B 96 -1.81 0.24 4.79
N ALA B 97 -2.33 -0.77 4.10
CA ALA B 97 -2.39 -2.11 4.68
C ALA B 97 -1.08 -2.84 4.48
N LEU B 98 -0.67 -3.56 5.52
CA LEU B 98 0.36 -4.59 5.38
C LEU B 98 -0.27 -5.92 4.99
N PRO B 99 0.52 -6.81 4.38
CA PRO B 99 0.09 -8.19 4.11
C PRO B 99 0.07 -8.96 5.42
N VAL B 100 -1.00 -8.80 6.18
CA VAL B 100 -1.05 -9.25 7.57
C VAL B 100 -1.12 -10.77 7.73
N GLU B 101 -0.15 -11.33 8.45
CA GLU B 101 -0.38 -12.58 9.14
C GLU B 101 -1.15 -12.20 10.37
N GLY B 102 -0.67 -11.14 11.02
CA GLY B 102 -1.38 -10.51 12.13
C GLY B 102 -1.19 -11.23 13.44
N THR B 103 -0.72 -12.47 13.36
CA THR B 103 -0.53 -13.30 14.55
C THR B 103 0.85 -13.95 14.59
N GLU B 104 1.09 -14.83 13.63
CA GLU B 104 2.35 -15.58 13.58
C GLU B 104 3.52 -14.68 13.19
N THR B 105 3.21 -13.45 12.78
CA THR B 105 4.25 -12.44 12.62
C THR B 105 4.57 -11.85 13.98
N ARG B 106 3.81 -12.26 14.99
CA ARG B 106 3.91 -11.69 16.33
C ARG B 106 4.22 -12.70 17.44
N VAL B 107 3.21 -13.47 17.82
CA VAL B 107 3.20 -14.21 19.08
C VAL B 107 4.37 -15.19 19.30
N ASN B 108 5.01 -15.62 18.22
CA ASN B 108 6.02 -16.67 18.32
C ASN B 108 7.40 -16.15 18.61
N ALA B 109 7.50 -14.83 18.79
CA ALA B 109 8.75 -14.21 19.14
C ALA B 109 8.58 -12.71 19.34
N GLN B 110 9.52 -12.13 20.05
CA GLN B 110 9.39 -10.75 20.51
C GLN B 110 9.57 -9.72 19.43
N ALA B 111 10.67 -9.83 18.69
CA ALA B 111 11.05 -8.81 17.72
C ALA B 111 10.51 -9.04 16.30
N ALA B 112 9.75 -10.12 16.13
CA ALA B 112 9.24 -10.52 14.81
C ALA B 112 8.33 -9.48 14.13
N ALA B 113 7.34 -8.97 14.84
CA ALA B 113 6.47 -7.91 14.30
C ALA B 113 7.35 -6.75 13.87
N TYR B 114 8.01 -6.13 14.84
CA TYR B 114 8.90 -5.02 14.55
C TYR B 114 9.85 -5.35 13.41
N GLU B 115 10.44 -6.55 13.44
CA GLU B 115 11.38 -6.95 12.38
C GLU B 115 10.73 -6.85 11.01
N TYR B 116 9.53 -7.41 10.90
CA TYR B 116 8.81 -7.39 9.62
C TYR B 116 8.50 -5.98 9.15
N MSE B 117 7.92 -5.17 10.03
CA MSE B 117 7.60 -3.79 9.69
C MSE B 117 8.87 -3.03 9.27
O MSE B 117 8.87 -2.27 8.31
CB MSE B 117 6.92 -3.07 10.84
CG MSE B 117 5.60 -3.73 11.27
SE MSE B 117 4.40 -2.54 12.29
CE MSE B 117 5.70 -1.65 13.43
N ALA B 118 9.97 -3.27 10.00
CA ALA B 118 11.21 -2.56 9.77
C ALA B 118 11.86 -2.98 8.45
N ALA B 119 11.63 -4.23 8.06
CA ALA B 119 12.13 -4.73 6.78
C ALA B 119 11.27 -4.19 5.64
N TYR B 120 9.96 -4.10 5.86
CA TYR B 120 9.07 -3.54 4.86
C TYR B 120 9.49 -2.09 4.60
N ILE B 121 9.55 -1.31 5.68
CA ILE B 121 9.97 0.09 5.64
C ILE B 121 11.37 0.27 5.04
N GLU B 122 12.32 -0.53 5.49
CA GLU B 122 13.68 -0.45 4.99
C GLU B 122 13.66 -0.66 3.47
N ASN B 123 13.00 -1.73 3.05
CA ASN B 123 12.83 -2.02 1.63
C ASN B 123 12.32 -0.80 0.86
N ALA B 124 11.10 -0.38 1.19
CA ALA B 124 10.49 0.75 0.51
C ALA B 124 11.41 1.97 0.44
N LYS B 125 12.02 2.31 1.56
CA LYS B 125 12.92 3.46 1.66
C LYS B 125 14.14 3.39 0.75
N GLN B 126 14.74 2.20 0.66
CA GLN B 126 16.02 2.03 -0.03
C GLN B 126 15.91 2.13 -1.56
N VAL B 127 14.69 2.15 -2.07
CA VAL B 127 14.47 2.42 -3.49
C VAL B 127 14.23 3.90 -3.67
N GLY B 128 14.30 4.64 -2.56
CA GLY B 128 14.08 6.07 -2.57
C GLY B 128 12.68 6.44 -2.09
N ARG B 129 11.83 5.42 -1.92
CA ARG B 129 10.46 5.67 -1.46
C ARG B 129 10.37 5.89 0.06
N LEU B 130 9.15 6.09 0.54
CA LEU B 130 8.87 6.33 1.95
C LEU B 130 9.68 7.49 2.54
N GLU B 131 10.51 7.15 3.53
CA GLU B 131 11.24 8.09 4.36
C GLU B 131 10.26 8.70 5.36
N ASN B 132 8.98 8.49 5.08
CA ASN B 132 7.91 9.17 5.79
C ASN B 132 7.23 8.40 6.92
N ALA B 133 7.66 7.17 7.21
CA ALA B 133 6.87 6.39 8.15
C ALA B 133 6.99 7.00 9.54
N ILE B 134 5.86 7.44 10.08
CA ILE B 134 5.80 8.06 11.40
C ILE B 134 5.33 7.08 12.45
N GLY B 135 4.98 5.87 12.03
CA GLY B 135 4.40 4.92 12.97
C GLY B 135 3.61 3.77 12.35
N TRP B 136 2.97 2.99 13.21
CA TRP B 136 2.18 1.85 12.75
C TRP B 136 0.83 1.83 13.41
N TYR B 137 -0.10 1.07 12.82
CA TYR B 137 -1.44 0.94 13.41
C TYR B 137 -1.92 -0.50 13.40
N HIS B 138 -2.70 -0.88 14.40
CA HIS B 138 -3.45 -2.14 14.32
C HIS B 138 -4.83 -2.01 14.96
N SER B 139 -5.62 -3.09 14.92
CA SER B 139 -6.99 -3.00 15.43
C SER B 139 -7.25 -3.97 16.57
N HIS B 140 -8.13 -3.55 17.47
CA HIS B 140 -8.67 -4.36 18.55
C HIS B 140 -10.20 -4.42 18.35
N PRO B 141 -10.67 -5.35 17.50
CA PRO B 141 -12.07 -5.43 17.02
C PRO B 141 -13.06 -5.88 18.07
N GLY B 142 -13.49 -4.93 18.90
CA GLY B 142 -14.48 -5.15 19.94
C GLY B 142 -13.95 -5.10 21.36
N TYR B 143 -12.63 -5.19 21.53
CA TYR B 143 -12.00 -5.01 22.85
C TYR B 143 -11.40 -3.63 23.17
N GLY B 144 -11.55 -2.67 22.27
CA GLY B 144 -11.18 -1.29 22.57
C GLY B 144 -9.70 -0.95 22.41
N CYS B 145 -9.36 0.32 22.66
CA CYS B 145 -8.06 0.88 22.31
C CYS B 145 -7.04 1.02 23.47
N TRP B 146 -5.99 0.20 23.41
CA TRP B 146 -4.91 0.19 24.41
C TRP B 146 -3.69 -0.52 23.80
N LEU B 147 -2.69 -0.81 24.64
CA LEU B 147 -1.52 -1.59 24.21
C LEU B 147 -1.36 -2.89 25.02
N SER B 148 -1.21 -4.01 24.32
CA SER B 148 -1.29 -5.38 24.87
C SER B 148 0.00 -5.95 25.47
N GLY B 149 1.08 -5.20 25.41
CA GLY B 149 2.33 -5.66 25.97
C GLY B 149 3.19 -6.44 24.98
N ILE B 150 2.58 -7.06 23.98
CA ILE B 150 3.34 -7.39 22.79
C ILE B 150 3.38 -6.13 21.95
N ASP B 151 2.30 -5.36 22.04
CA ASP B 151 2.24 -4.04 21.42
C ASP B 151 3.34 -3.22 22.06
N VAL B 152 3.50 -3.38 23.37
CA VAL B 152 4.46 -2.56 24.11
C VAL B 152 5.90 -2.91 23.76
N SER B 153 6.19 -4.20 23.67
CA SER B 153 7.53 -4.63 23.26
C SER B 153 7.81 -4.12 21.85
N THR B 154 6.89 -4.44 20.94
CA THR B 154 7.01 -3.99 19.56
C THR B 154 7.31 -2.48 19.48
N GLN B 155 6.52 -1.68 20.18
CA GLN B 155 6.64 -0.22 20.11
C GLN B 155 7.87 0.31 20.82
N MSE B 156 8.36 -0.40 21.83
CA MSE B 156 9.61 -0.01 22.51
C MSE B 156 10.78 -0.23 21.57
O MSE B 156 11.66 0.63 21.44
CB MSE B 156 9.82 -0.80 23.82
CG MSE B 156 8.85 -0.45 24.95
SE MSE B 156 9.26 -1.29 26.67
CE MSE B 156 8.69 -3.11 26.27
N LEU B 157 10.77 -1.36 20.88
CA LEU B 157 11.75 -1.58 19.82
C LEU B 157 11.65 -0.44 18.80
N ASN B 158 10.44 -0.26 18.25
CA ASN B 158 10.18 0.78 17.26
C ASN B 158 10.76 2.12 17.69
N GLN B 159 10.55 2.51 18.95
CA GLN B 159 11.05 3.80 19.43
C GLN B 159 12.58 3.81 19.63
N GLN B 160 13.16 2.66 19.94
CA GLN B 160 14.62 2.56 19.99
C GLN B 160 15.23 2.86 18.63
N PHE B 161 14.86 2.04 17.64
CA PHE B 161 15.47 2.11 16.30
C PHE B 161 14.91 3.15 15.31
N GLN B 162 13.59 3.25 15.28
CA GLN B 162 12.80 4.00 14.30
C GLN B 162 12.52 5.41 14.73
N GLU B 163 13.18 5.86 15.80
CA GLU B 163 12.50 6.44 16.96
C GLU B 163 11.26 7.31 16.74
N PRO B 164 11.32 8.37 15.92
CA PRO B 164 10.09 9.17 15.91
C PRO B 164 8.93 8.38 15.30
N PHE B 165 8.40 7.45 16.09
CA PHE B 165 7.38 6.49 15.67
C PHE B 165 6.23 6.47 16.69
N VAL B 166 5.01 6.27 16.19
CA VAL B 166 3.83 6.27 17.05
C VAL B 166 3.06 4.97 16.85
N ALA B 167 2.40 4.50 17.92
CA ALA B 167 1.57 3.29 17.82
C ALA B 167 0.08 3.59 17.91
N VAL B 168 -0.65 3.40 16.81
CA VAL B 168 -2.09 3.66 16.77
C VAL B 168 -2.93 2.38 16.89
N VAL B 169 -3.93 2.43 17.76
CA VAL B 169 -4.87 1.31 17.92
C VAL B 169 -6.28 1.76 17.56
N ILE B 170 -7.00 0.93 16.81
CA ILE B 170 -8.35 1.28 16.39
C ILE B 170 -9.34 0.15 16.64
N ASP B 171 -10.54 0.50 17.12
CA ASP B 171 -11.61 -0.47 17.31
C ASP B 171 -12.80 -0.16 16.40
N PRO B 172 -12.98 -0.96 15.34
CA PRO B 172 -13.95 -0.71 14.26
C PRO B 172 -15.30 -1.35 14.58
N THR B 173 -15.91 -0.94 15.68
CA THR B 173 -17.20 -1.48 16.08
C THR B 173 -18.18 -0.35 16.34
N ARG B 174 -19.47 -0.66 16.22
CA ARG B 174 -20.55 0.31 16.44
C ARG B 174 -20.39 1.52 15.53
N THR B 175 -20.26 1.24 14.23
CA THR B 175 -20.20 2.28 13.21
C THR B 175 -21.34 3.30 13.41
N ILE B 176 -22.54 2.80 13.70
CA ILE B 176 -23.76 3.61 13.80
C ILE B 176 -23.88 4.58 12.64
N SER B 177 -23.66 4.08 11.43
CA SER B 177 -23.48 4.95 10.28
C SER B 177 -22.28 5.89 10.52
N ALA B 178 -22.53 7.19 10.46
CA ALA B 178 -21.49 8.15 10.82
C ALA B 178 -21.40 8.29 12.33
N GLY B 179 -20.21 8.08 12.89
CA GLY B 179 -20.03 8.14 14.34
C GLY B 179 -18.61 8.47 14.72
N LYS B 180 -18.38 8.67 16.02
CA LYS B 180 -17.02 8.91 16.51
C LYS B 180 -16.21 7.63 16.39
N VAL B 181 -15.03 7.74 15.79
CA VAL B 181 -14.13 6.58 15.74
C VAL B 181 -13.60 6.29 17.12
N ASN B 182 -13.33 5.02 17.38
CA ASN B 182 -12.64 4.65 18.59
C ASN B 182 -11.20 4.36 18.17
N LEU B 183 -10.31 5.27 18.59
CA LEU B 183 -8.91 5.23 18.19
C LEU B 183 -8.04 5.84 19.27
N GLY B 184 -6.78 5.43 19.31
CA GLY B 184 -5.84 6.02 20.22
C GLY B 184 -4.47 5.98 19.60
N ALA B 185 -3.62 6.87 20.10
CA ALA B 185 -2.24 6.99 19.65
C ALA B 185 -1.37 6.91 20.89
N PHE B 186 -0.30 6.13 20.82
CA PHE B 186 0.46 5.80 22.01
C PHE B 186 1.97 5.82 21.79
N ARG B 187 2.68 6.22 22.84
CA ARG B 187 4.13 6.11 22.88
C ARG B 187 4.51 5.22 24.08
N THR B 188 5.66 4.54 24.01
CA THR B 188 6.11 3.73 25.14
C THR B 188 7.18 4.46 25.94
N TYR B 189 7.64 3.79 26.98
CA TYR B 189 8.75 4.26 27.79
C TYR B 189 9.89 3.24 27.70
N PRO B 190 11.14 3.70 27.92
CA PRO B 190 12.35 2.88 27.84
C PRO B 190 12.42 1.70 28.81
N LYS B 191 11.60 1.71 29.86
CA LYS B 191 11.67 0.69 30.90
C LYS B 191 12.96 0.89 31.69
N GLY B 192 13.77 1.84 31.24
CA GLY B 192 14.84 2.43 32.04
C GLY B 192 14.24 3.66 32.68
N TYR B 193 12.91 3.67 32.69
CA TYR B 193 12.14 4.79 33.22
C TYR B 193 11.25 4.35 34.37
N LYS B 194 11.01 5.29 35.28
CA LYS B 194 10.06 5.12 36.35
C LYS B 194 9.19 6.37 36.33
N PRO B 195 8.13 6.36 35.52
CA PRO B 195 7.31 7.55 35.22
C PRO B 195 6.82 8.29 36.46
N PRO B 196 6.65 9.61 36.35
CA PRO B 196 6.40 10.51 37.50
C PRO B 196 5.15 10.13 38.30
N ASP B 197 4.11 9.68 37.61
CA ASP B 197 2.90 9.22 38.29
C ASP B 197 2.33 10.27 39.25
N LYS B 219 1.24 3.55 33.08
CA LYS B 219 1.82 2.24 32.75
C LYS B 219 3.22 2.36 32.13
N GLN B 220 3.47 1.49 31.14
CA GLN B 220 4.72 1.48 30.39
C GLN B 220 4.59 2.29 29.11
N TYR B 221 3.42 2.89 28.91
CA TYR B 221 3.16 3.75 27.75
C TYR B 221 2.19 4.87 28.13
N TYR B 222 1.93 5.77 27.18
CA TYR B 222 1.05 6.91 27.41
C TYR B 222 0.35 7.32 26.11
N ALA B 223 -0.82 7.92 26.27
CA ALA B 223 -1.67 8.31 25.15
C ALA B 223 -1.46 9.76 24.74
N LEU B 224 -1.49 10.01 23.43
CA LEU B 224 -1.41 11.38 22.89
C LEU B 224 -2.82 11.95 22.74
N GLU B 225 -2.94 13.21 22.32
CA GLU B 225 -4.24 13.82 22.11
C GLU B 225 -4.51 13.89 20.62
N VAL B 226 -5.45 13.09 20.15
CA VAL B 226 -5.71 12.96 18.72
C VAL B 226 -6.73 14.00 18.22
N SER B 227 -6.41 14.64 17.10
CA SER B 227 -7.35 15.48 16.38
C SER B 227 -7.40 15.01 14.93
N TYR B 228 -8.52 15.27 14.26
CA TYR B 228 -8.59 14.89 12.84
C TYR B 228 -8.71 16.13 11.96
N PHE B 229 -8.26 16.01 10.71
CA PHE B 229 -8.25 17.16 9.82
C PHE B 229 -8.45 16.75 8.36
N LYS B 230 -8.86 17.71 7.54
CA LYS B 230 -9.26 17.44 6.16
C LYS B 230 -8.48 18.35 5.18
N SER B 231 -8.77 18.25 3.90
CA SER B 231 -8.01 19.00 2.90
C SER B 231 -8.87 19.56 1.76
N SER B 232 -8.21 20.07 0.72
CA SER B 232 -8.89 20.55 -0.47
C SER B 232 -8.84 19.53 -1.61
N LEU B 233 -7.63 19.24 -2.09
CA LEU B 233 -7.41 18.29 -3.18
C LEU B 233 -7.93 16.88 -2.89
N ASP B 234 -7.99 16.51 -1.61
CA ASP B 234 -8.46 15.19 -1.19
C ASP B 234 -9.95 14.95 -1.48
N ARG B 235 -10.69 16.03 -1.68
CA ARG B 235 -12.16 15.98 -1.73
C ARG B 235 -12.71 14.87 -2.60
N LYS B 236 -12.16 14.71 -3.80
CA LYS B 236 -12.64 13.66 -4.69
C LYS B 236 -12.26 12.29 -4.13
N LEU B 237 -10.97 12.11 -3.83
CA LEU B 237 -10.48 10.85 -3.27
C LEU B 237 -11.27 10.40 -2.04
N LEU B 238 -11.36 11.28 -1.04
CA LEU B 238 -12.20 10.97 0.10
C LEU B 238 -13.57 10.52 -0.37
N GLU B 239 -14.20 11.32 -1.24
CA GLU B 239 -15.54 11.01 -1.69
C GLU B 239 -15.54 9.58 -2.15
N LEU B 240 -14.59 9.26 -3.03
CA LEU B 240 -14.54 7.92 -3.59
C LEU B 240 -14.53 6.92 -2.45
N LEU B 241 -13.54 7.04 -1.56
CA LEU B 241 -13.45 6.13 -0.43
C LEU B 241 -14.77 6.14 0.30
N TRP B 242 -15.25 7.34 0.65
CA TRP B 242 -16.42 7.39 1.51
C TRP B 242 -17.51 6.55 0.86
N ASN B 243 -17.67 6.72 -0.46
CA ASN B 243 -18.71 6.03 -1.20
C ASN B 243 -18.65 4.54 -0.91
N LYS B 244 -17.49 3.93 -1.15
CA LYS B 244 -17.39 2.50 -0.97
C LYS B 244 -17.84 2.21 0.45
N TYR B 245 -17.24 2.93 1.39
CA TYR B 245 -17.52 2.71 2.79
C TYR B 245 -19.03 2.71 3.02
N TRP B 246 -19.71 3.73 2.52
CA TRP B 246 -21.14 3.83 2.76
C TRP B 246 -21.89 2.61 2.20
N VAL B 247 -21.58 2.28 0.96
CA VAL B 247 -22.17 1.10 0.34
C VAL B 247 -22.04 -0.10 1.26
N ASN B 248 -20.84 -0.27 1.85
CA ASN B 248 -20.60 -1.47 2.65
C ASN B 248 -21.48 -1.53 3.88
N THR B 249 -21.84 -0.36 4.42
CA THR B 249 -22.72 -0.35 5.58
C THR B 249 -24.17 -0.60 5.17
N LEU B 250 -24.52 -0.29 3.92
CA LEU B 250 -25.87 -0.54 3.44
C LEU B 250 -26.08 -2.04 3.19
N SER B 251 -24.98 -2.77 3.11
CA SER B 251 -25.05 -4.20 2.87
C SER B 251 -25.47 -4.95 4.14
N SER B 252 -25.10 -4.47 5.34
CA SER B 252 -25.82 -4.96 6.52
C SER B 252 -26.33 -3.84 7.45
N SER B 253 -27.64 -3.65 7.48
CA SER B 253 -28.21 -2.70 8.44
C SER B 253 -29.49 -3.16 9.17
N SER B 254 -29.38 -3.43 10.47
CA SER B 254 -30.48 -3.26 11.41
C SER B 254 -30.25 -1.94 12.20
N LEU B 255 -29.11 -1.29 11.97
CA LEU B 255 -28.76 -0.03 12.66
C LEU B 255 -29.15 1.20 11.86
N LEU B 256 -29.54 0.98 10.61
CA LEU B 256 -29.97 2.06 9.73
C LEU B 256 -31.48 2.23 9.81
N THR B 257 -32.09 1.44 10.68
CA THR B 257 -33.49 1.69 11.03
C THR B 257 -33.57 2.92 11.94
ZN ZN C . -9.63 -6.93 -17.44
S SCN D . 0.95 2.88 -0.19
C SCN D . 2.20 1.62 -0.47
N SCN D . 3.01 0.77 -0.65
S SCN E . -2.97 -17.24 -1.39
C SCN E . -2.47 -16.13 -0.07
N SCN E . -2.11 -15.40 0.80
ZN ZN F . -2.83 -4.74 20.39
S SCN G . -27.19 9.80 11.46
C SCN G . -28.08 8.26 11.76
N SCN G . -28.65 7.25 11.95
#